data_4OQ1
#
_entry.id   4OQ1
#
_cell.length_a   43.580
_cell.length_b   65.760
_cell.length_c   60.420
_cell.angle_alpha   90.00
_cell.angle_beta   110.97
_cell.angle_gamma   90.00
#
_symmetry.space_group_name_H-M   'P 1 21 1'
#
loop_
_entity.id
_entity.type
_entity.pdbx_description
1 polymer 'Cell wall surface anchor family protein'
2 water water
#
_entity_poly.entity_id   1
_entity_poly.type   'polypeptide(L)'
_entity_poly.pdbx_seq_one_letter_code
;MAHHHHHHGHHHQLENLYFQGVQAQEDHTLVLQLENYQEVVSQLPSRDGHRLQVWKLDDSYSYDDRVQIVRDLHSWDENK
LSSFKKTSFEMTFLENQIEVSHIPNGLYYVRSIIQTDAVSYPAEFLFEMTDQTVEPLVIVAKKTDTMTTKVKLIKVDQDH
NRLEGVGFKLVSVARDVSAAAVPLIGEYRYSSSGQVGRTLYTDKNGEIFVTNLPLGNYRFKEVEPLAGYAVTTLDTDVQL
VDHQLVTITVVNQKLPRGNVDFMKVDGRTNTSLQGAMFKVMKEESGHYTPVLQNGKEVVVTSGKDGRFRVEGLEYGTYYL
WELQAPTGYVQLTSPVSFTIGKDTRKELVTVVKNNKRPRIDVPDTGEE
;
_entity_poly.pdbx_strand_id   A
#
# COMPACT_ATOMS: atom_id res chain seq x y z
N GLU A 26 -44.33 16.30 15.45
CA GLU A 26 -43.17 16.88 16.21
C GLU A 26 -42.15 15.90 16.79
N ASP A 27 -42.38 14.58 16.82
CA ASP A 27 -41.22 13.70 17.07
C ASP A 27 -41.01 12.63 15.98
N HIS A 28 -40.21 13.04 14.99
CA HIS A 28 -39.95 12.20 13.89
C HIS A 28 -38.50 11.69 13.95
N THR A 29 -38.36 10.54 13.38
CA THR A 29 -37.04 9.96 13.15
C THR A 29 -36.74 9.81 11.63
N LEU A 30 -35.52 10.24 11.27
CA LEU A 30 -34.99 10.07 9.91
C LEU A 30 -33.86 8.99 9.92
N VAL A 31 -34.00 8.04 9.01
CA VAL A 31 -33.00 6.97 8.78
C VAL A 31 -32.21 7.34 7.47
N LEU A 32 -30.87 7.42 7.56
CA LEU A 32 -29.99 7.69 6.43
C LEU A 32 -29.14 6.44 6.16
N GLN A 33 -29.21 5.93 4.93
CA GLN A 33 -28.36 4.85 4.53
C GLN A 33 -27.29 5.47 3.61
N LEU A 34 -26.04 5.04 3.76
CA LEU A 34 -24.93 5.65 3.05
C LEU A 34 -24.20 4.65 2.13
N GLU A 35 -23.47 5.20 1.18
CA GLU A 35 -22.53 4.43 0.37
C GLU A 35 -21.36 3.96 1.29
N ASN A 36 -21.00 2.69 1.19
CA ASN A 36 -19.77 2.17 1.80
C ASN A 36 -19.93 2.39 3.29
N TYR A 37 -21.17 2.18 3.79
CA TYR A 37 -21.55 2.51 5.12
C TYR A 37 -20.60 1.91 6.17
N GLN A 38 -20.38 0.58 6.16
CA GLN A 38 -19.52 -0.09 7.20
C GLN A 38 -18.18 0.52 7.30
N GLU A 39 -17.50 0.65 6.17
CA GLU A 39 -16.16 1.26 6.15
C GLU A 39 -16.09 2.71 6.64
N VAL A 40 -16.99 3.56 6.16
CA VAL A 40 -17.07 4.93 6.69
C VAL A 40 -17.22 4.90 8.19
N VAL A 41 -18.17 4.13 8.70
CA VAL A 41 -18.35 4.06 10.16
C VAL A 41 -17.04 3.63 10.82
N SER A 42 -16.41 2.62 10.26
CA SER A 42 -15.15 2.13 10.84
C SER A 42 -14.17 3.26 10.98
N GLN A 43 -14.27 4.28 10.15
CA GLN A 43 -13.28 5.33 10.20
C GLN A 43 -13.64 6.39 11.25
N LEU A 44 -14.80 6.27 11.91
CA LEU A 44 -15.19 7.28 12.91
C LEU A 44 -14.53 7.09 14.25
N PRO A 45 -14.01 8.16 14.81
CA PRO A 45 -13.48 7.97 16.19
C PRO A 45 -14.54 7.48 17.14
N SER A 46 -15.69 8.16 17.16
CA SER A 46 -16.81 7.81 18.01
C SER A 46 -18.10 7.65 17.21
N ARG A 47 -18.88 6.61 17.46
CA ARG A 47 -20.18 6.49 16.78
C ARG A 47 -21.22 7.41 17.44
N ASP A 48 -20.80 8.09 18.50
CA ASP A 48 -21.68 8.81 19.42
C ASP A 48 -21.28 10.28 19.44
N GLY A 49 -22.27 11.14 19.65
CA GLY A 49 -22.02 12.60 19.79
C GLY A 49 -22.03 13.43 18.49
N HIS A 50 -22.44 12.82 17.38
CA HIS A 50 -22.54 13.56 16.13
C HIS A 50 -23.90 14.24 15.98
N ARG A 51 -23.90 15.39 15.31
CA ARG A 51 -25.16 16.05 15.00
C ARG A 51 -25.36 16.25 13.49
N LEU A 52 -26.60 16.16 13.04
CA LEU A 52 -26.92 16.52 11.63
C LEU A 52 -27.30 17.99 11.52
N GLN A 53 -26.47 18.79 10.85
CA GLN A 53 -26.77 20.16 10.62
C GLN A 53 -27.82 20.30 9.49
N VAL A 54 -28.85 21.10 9.74
CA VAL A 54 -29.88 21.36 8.75
C VAL A 54 -30.29 22.85 8.65
N TRP A 55 -30.96 23.19 7.58
CA TRP A 55 -31.68 24.41 7.49
C TRP A 55 -33.10 24.09 7.34
N LYS A 56 -33.95 24.72 8.11
CA LYS A 56 -35.41 24.52 8.00
C LYS A 56 -35.99 25.61 7.12
N LEU A 57 -36.60 25.19 6.02
CA LEU A 57 -37.04 26.11 4.98
C LEU A 57 -38.38 26.76 5.37
N ASP A 58 -38.58 28.01 4.97
CA ASP A 58 -39.83 28.75 5.16
C ASP A 58 -40.89 28.25 4.20
N ASP A 59 -42.11 28.72 4.37
CA ASP A 59 -43.24 28.26 3.57
C ASP A 59 -43.23 28.62 2.12
N SER A 60 -42.43 29.57 1.71
CA SER A 60 -42.32 29.75 0.25
C SER A 60 -41.71 28.53 -0.49
N TYR A 61 -41.28 27.49 0.25
CA TYR A 61 -40.70 26.29 -0.40
C TYR A 61 -41.58 25.11 -0.30
N SER A 62 -41.66 24.42 -1.41
CA SER A 62 -42.38 23.20 -1.52
C SER A 62 -41.46 21.96 -1.82
N TYR A 63 -41.75 20.83 -1.17
CA TYR A 63 -41.08 19.54 -1.41
C TYR A 63 -41.35 19.08 -2.83
N ASP A 64 -42.43 19.54 -3.42
CA ASP A 64 -42.70 19.24 -4.85
C ASP A 64 -41.64 19.79 -5.76
N ASP A 65 -40.94 20.83 -5.27
CA ASP A 65 -39.91 21.53 -6.03
C ASP A 65 -38.47 21.12 -5.65
N ARG A 66 -38.34 20.02 -4.97
CA ARG A 66 -37.02 19.57 -4.47
C ARG A 66 -35.89 19.49 -5.46
N VAL A 67 -36.15 19.07 -6.74
CA VAL A 67 -35.08 19.03 -7.72
C VAL A 67 -34.48 20.43 -7.96
N GLN A 68 -35.33 21.41 -8.15
CA GLN A 68 -34.89 22.75 -8.46
C GLN A 68 -34.29 23.43 -7.21
N ILE A 69 -34.87 23.21 -6.06
CA ILE A 69 -34.39 23.79 -4.78
C ILE A 69 -32.95 23.37 -4.51
N VAL A 70 -32.73 22.06 -4.57
CA VAL A 70 -31.44 21.50 -4.35
C VAL A 70 -30.44 22.03 -5.34
N ARG A 71 -30.81 22.05 -6.65
CA ARG A 71 -29.98 22.80 -7.59
C ARG A 71 -29.75 24.26 -7.28
N ASP A 72 -30.75 24.97 -6.81
CA ASP A 72 -30.58 26.38 -6.60
C ASP A 72 -29.78 26.71 -5.33
N LEU A 73 -29.76 25.79 -4.40
CA LEU A 73 -28.86 25.98 -3.28
C LEU A 73 -27.43 25.39 -3.37
N HIS A 74 -27.10 24.63 -4.44
CA HIS A 74 -25.89 23.87 -4.60
C HIS A 74 -24.57 24.73 -4.43
N SER A 75 -24.56 25.85 -5.11
CA SER A 75 -23.36 26.74 -5.12
C SER A 75 -23.47 27.56 -3.82
N TRP A 76 -22.62 27.22 -2.88
CA TRP A 76 -22.72 27.83 -1.58
C TRP A 76 -22.85 29.38 -1.66
N ASP A 77 -23.78 29.94 -0.93
CA ASP A 77 -23.96 31.41 -0.75
C ASP A 77 -24.84 31.62 0.50
N GLU A 78 -24.35 32.28 1.54
CA GLU A 78 -25.11 32.51 2.74
C GLU A 78 -26.28 33.37 2.47
N ASN A 79 -26.20 34.19 1.42
CA ASN A 79 -27.34 34.95 1.01
C ASN A 79 -28.51 34.05 0.50
N LYS A 80 -28.23 32.84 0.09
CA LYS A 80 -29.37 31.91 -0.27
C LYS A 80 -30.05 31.28 0.93
N LEU A 81 -29.45 31.37 2.11
CA LEU A 81 -29.86 30.57 3.24
C LEU A 81 -30.35 31.45 4.35
N SER A 82 -30.20 32.79 4.18
CA SER A 82 -30.32 33.70 5.31
C SER A 82 -31.74 33.76 5.84
N SER A 83 -32.71 33.36 5.03
CA SER A 83 -34.04 33.35 5.57
C SER A 83 -34.36 32.07 6.37
N PHE A 84 -33.49 31.06 6.40
CA PHE A 84 -33.88 29.75 6.92
C PHE A 84 -33.41 29.70 8.34
N LYS A 85 -34.00 28.81 9.12
CA LYS A 85 -33.62 28.57 10.48
C LYS A 85 -32.57 27.45 10.46
N LYS A 86 -31.36 27.77 10.90
CA LYS A 86 -30.29 26.82 10.98
C LYS A 86 -30.44 26.05 12.25
N THR A 87 -30.55 24.75 12.17
CA THR A 87 -30.62 23.98 13.43
C THR A 87 -29.81 22.69 13.34
N SER A 88 -29.94 21.81 14.33
CA SER A 88 -29.32 20.51 14.25
C SER A 88 -29.97 19.46 15.12
N PHE A 89 -29.79 18.18 14.78
CA PHE A 89 -30.38 17.07 15.46
C PHE A 89 -29.32 16.04 15.81
N GLU A 90 -29.53 15.34 16.93
CA GLU A 90 -28.65 14.24 17.33
C GLU A 90 -28.70 13.11 16.37
N MET A 91 -27.52 12.58 16.03
CA MET A 91 -27.46 11.37 15.18
C MET A 91 -26.85 10.23 15.92
N THR A 92 -27.31 9.06 15.58
CA THR A 92 -26.63 7.84 15.99
C THR A 92 -26.28 6.95 14.75
N PHE A 93 -25.03 6.46 14.72
CA PHE A 93 -24.61 5.40 13.76
C PHE A 93 -24.84 3.97 14.26
N LEU A 94 -25.95 3.37 13.88
CA LEU A 94 -26.27 2.01 14.18
C LEU A 94 -25.53 1.05 13.21
N GLU A 95 -25.95 -0.21 13.11
CA GLU A 95 -25.15 -1.25 12.40
C GLU A 95 -25.07 -1.11 10.88
N ASN A 96 -26.22 -0.88 10.22
CA ASN A 96 -26.17 -0.70 8.77
C ASN A 96 -26.76 0.67 8.32
N GLN A 97 -27.12 1.52 9.28
CA GLN A 97 -27.77 2.85 8.99
C GLN A 97 -27.72 3.84 10.16
N ILE A 98 -27.98 5.12 9.86
CA ILE A 98 -27.94 6.21 10.81
C ILE A 98 -29.37 6.46 11.14
N GLU A 99 -29.61 6.82 12.40
CA GLU A 99 -30.89 7.46 12.85
C GLU A 99 -30.64 8.86 13.35
N VAL A 100 -31.53 9.77 12.92
CA VAL A 100 -31.49 11.16 13.32
C VAL A 100 -32.79 11.37 14.08
N SER A 101 -32.64 11.90 15.28
CA SER A 101 -33.71 11.84 16.32
C SER A 101 -34.42 13.14 16.63
N HIS A 102 -35.72 13.04 16.91
CA HIS A 102 -36.53 14.18 17.53
C HIS A 102 -36.65 15.37 16.61
N ILE A 103 -37.07 15.04 15.41
CA ILE A 103 -37.20 16.05 14.38
C ILE A 103 -38.69 16.56 14.28
N PRO A 104 -38.90 17.86 14.49
CA PRO A 104 -40.24 18.46 14.38
C PRO A 104 -40.71 18.41 12.99
N ASN A 105 -41.98 18.71 12.75
CA ASN A 105 -42.49 18.83 11.40
C ASN A 105 -41.75 19.97 10.63
N GLY A 106 -41.52 19.79 9.32
CA GLY A 106 -40.85 20.82 8.54
C GLY A 106 -40.19 20.31 7.27
N LEU A 107 -39.68 21.24 6.45
CA LEU A 107 -39.02 20.88 5.22
C LEU A 107 -37.58 21.35 5.41
N TYR A 108 -36.66 20.41 5.29
CA TYR A 108 -35.30 20.56 5.79
C TYR A 108 -34.29 20.36 4.66
N TYR A 109 -33.25 21.19 4.59
CA TYR A 109 -32.19 21.04 3.62
C TYR A 109 -30.95 20.56 4.36
N VAL A 110 -30.25 19.60 3.77
CA VAL A 110 -28.96 19.03 4.32
C VAL A 110 -27.87 19.22 3.26
N ARG A 111 -26.70 19.62 3.71
CA ARG A 111 -25.51 19.70 2.91
C ARG A 111 -24.41 18.69 3.21
N SER A 112 -24.38 18.20 4.44
CA SER A 112 -23.41 17.24 4.91
C SER A 112 -24.03 16.27 5.91
N ILE A 113 -23.79 14.97 5.77
CA ILE A 113 -24.18 13.98 6.76
C ILE A 113 -23.07 13.82 7.81
N ILE A 114 -21.80 13.91 7.40
CA ILE A 114 -20.68 13.70 8.30
C ILE A 114 -19.53 14.55 7.87
N GLN A 115 -18.88 15.18 8.82
CA GLN A 115 -17.75 15.98 8.43
C GLN A 115 -16.74 16.00 9.53
N THR A 116 -15.67 15.20 9.38
CA THR A 116 -14.66 15.04 10.41
C THR A 116 -13.29 15.13 9.75
N ASP A 117 -12.30 15.12 10.61
CA ASP A 117 -10.90 15.12 10.22
C ASP A 117 -10.54 13.86 9.47
N ALA A 118 -11.27 12.78 9.71
CA ALA A 118 -11.00 11.52 9.09
C ALA A 118 -11.91 11.32 7.90
N VAL A 119 -13.19 11.61 8.09
CA VAL A 119 -14.26 11.22 7.19
C VAL A 119 -15.20 12.38 6.83
N SER A 120 -15.44 12.57 5.54
CA SER A 120 -16.41 13.52 5.04
C SER A 120 -17.44 12.76 4.22
N TYR A 121 -18.72 13.01 4.49
CA TYR A 121 -19.79 12.45 3.66
C TYR A 121 -20.77 13.57 3.34
N PRO A 122 -20.39 14.38 2.36
CA PRO A 122 -21.24 15.43 1.82
C PRO A 122 -22.39 14.85 1.05
N ALA A 123 -23.53 15.53 1.17
CA ALA A 123 -24.76 15.10 0.62
C ALA A 123 -25.80 16.26 0.65
N GLU A 124 -26.34 16.59 -0.50
CA GLU A 124 -27.27 17.63 -0.64
C GLU A 124 -28.62 17.15 -0.98
N PHE A 125 -29.54 17.29 -0.04
CA PHE A 125 -30.90 16.85 -0.31
C PHE A 125 -31.90 17.57 0.58
N LEU A 126 -33.17 17.32 0.31
CA LEU A 126 -34.19 17.83 1.19
C LEU A 126 -34.88 16.62 1.74
N PHE A 127 -35.39 16.79 2.93
CA PHE A 127 -36.39 15.87 3.44
C PHE A 127 -37.59 16.60 4.10
N GLU A 128 -38.75 15.91 4.18
CA GLU A 128 -39.92 16.60 4.72
C GLU A 128 -40.55 15.68 5.75
N MET A 129 -40.74 16.22 6.96
CA MET A 129 -41.58 15.63 8.02
C MET A 129 -43.01 16.29 8.10
N THR A 130 -44.05 15.50 7.91
CA THR A 130 -45.40 16.02 8.13
C THR A 130 -46.14 15.14 9.14
N ASP A 131 -47.32 15.56 9.63
CA ASP A 131 -48.06 14.68 10.58
C ASP A 131 -48.43 13.37 9.90
N GLN A 132 -48.33 13.27 8.57
CA GLN A 132 -48.65 12.03 7.82
C GLN A 132 -47.48 11.12 7.51
N THR A 133 -46.29 11.55 7.89
CA THR A 133 -45.02 10.87 7.61
C THR A 133 -45.02 9.55 8.33
N VAL A 134 -44.85 8.46 7.58
CA VAL A 134 -44.68 7.11 8.20
C VAL A 134 -43.29 7.02 8.86
N GLU A 135 -43.23 6.56 10.12
CA GLU A 135 -41.99 6.46 10.92
C GLU A 135 -41.25 5.12 10.89
N PRO A 136 -39.95 5.14 10.64
CA PRO A 136 -39.13 6.34 10.28
C PRO A 136 -39.23 6.70 8.77
N LEU A 137 -38.81 7.91 8.44
CA LEU A 137 -38.57 8.26 7.05
C LEU A 137 -37.18 7.67 6.67
N VAL A 138 -37.07 7.03 5.53
CA VAL A 138 -35.83 6.39 5.04
C VAL A 138 -35.30 7.09 3.80
N ILE A 139 -34.12 7.67 3.88
CA ILE A 139 -33.45 8.25 2.73
C ILE A 139 -32.08 7.60 2.48
N VAL A 140 -31.85 7.22 1.23
CA VAL A 140 -30.59 6.64 0.80
C VAL A 140 -29.76 7.82 0.22
N ALA A 141 -28.78 8.32 0.96
CA ALA A 141 -28.18 9.62 0.60
C ALA A 141 -27.01 9.46 -0.38
N LYS A 142 -27.00 10.22 -1.51
CA LYS A 142 -25.99 10.08 -2.49
C LYS A 142 -24.88 10.95 -2.02
N LYS A 143 -23.68 10.41 -2.08
CA LYS A 143 -22.49 11.20 -1.69
C LYS A 143 -22.19 12.20 -2.81
N THR A 144 -21.87 13.40 -2.39
CA THR A 144 -21.45 14.45 -3.28
C THR A 144 -19.93 14.83 -3.12
N ASP A 145 -19.44 15.69 -3.99
CA ASP A 145 -18.08 16.20 -3.92
C ASP A 145 -17.05 15.11 -4.09
N THR A 146 -17.21 14.31 -5.14
CA THR A 146 -16.45 13.06 -5.31
C THR A 146 -15.08 13.10 -6.01
N MET A 147 -14.68 14.24 -6.56
CA MET A 147 -13.41 14.31 -7.26
C MET A 147 -12.27 14.04 -6.28
N THR A 148 -11.23 13.30 -6.69
CA THR A 148 -10.24 12.93 -5.75
C THR A 148 -8.93 13.02 -6.52
N THR A 149 -7.84 13.10 -5.81
CA THR A 149 -6.51 12.84 -6.42
C THR A 149 -6.37 11.40 -6.83
N LYS A 150 -5.53 11.14 -7.84
CA LYS A 150 -5.39 9.80 -8.39
C LYS A 150 -3.96 9.66 -8.87
N VAL A 151 -3.35 8.56 -8.49
CA VAL A 151 -1.97 8.22 -8.97
C VAL A 151 -1.86 6.78 -9.29
N LYS A 152 -1.19 6.49 -10.42
CA LYS A 152 -1.05 5.19 -10.97
C LYS A 152 0.44 4.91 -11.14
N LEU A 153 0.89 3.85 -10.50
CA LEU A 153 2.25 3.35 -10.66
C LEU A 153 2.24 2.16 -11.61
N ILE A 154 3.12 2.24 -12.61
CA ILE A 154 3.31 1.17 -13.60
C ILE A 154 4.71 0.59 -13.43
N LYS A 155 4.76 -0.69 -13.10
CA LYS A 155 5.97 -1.44 -12.90
C LYS A 155 6.26 -2.36 -14.06
N VAL A 156 7.40 -2.17 -14.66
CA VAL A 156 7.86 -2.92 -15.80
C VAL A 156 9.30 -3.44 -15.67
N ASP A 157 9.64 -4.36 -16.56
CA ASP A 157 11.03 -4.66 -16.85
C ASP A 157 11.55 -3.82 -17.97
N GLN A 158 12.76 -4.06 -18.41
CA GLN A 158 13.44 -3.17 -19.40
C GLN A 158 12.80 -3.35 -20.76
N ASP A 159 12.04 -4.44 -20.95
CA ASP A 159 11.30 -4.57 -22.23
C ASP A 159 9.82 -4.14 -22.12
N HIS A 160 9.46 -3.56 -20.96
CA HIS A 160 8.15 -3.10 -20.65
C HIS A 160 7.11 -4.18 -20.56
N ASN A 161 7.51 -5.39 -20.19
CA ASN A 161 6.53 -6.36 -19.69
C ASN A 161 6.13 -5.84 -18.38
N ARG A 162 4.86 -6.05 -18.03
CA ARG A 162 4.31 -5.56 -16.77
C ARG A 162 4.69 -6.58 -15.63
N LEU A 163 5.07 -6.11 -14.45
CA LEU A 163 5.50 -7.00 -13.33
C LEU A 163 4.48 -7.03 -12.17
N GLU A 164 3.88 -8.22 -11.91
CA GLU A 164 3.01 -8.43 -10.85
C GLU A 164 3.68 -8.88 -9.56
N GLY A 165 3.22 -8.31 -8.45
CA GLY A 165 3.62 -8.72 -7.13
C GLY A 165 4.82 -7.99 -6.57
N VAL A 166 5.22 -6.93 -7.22
CA VAL A 166 6.33 -6.11 -6.62
C VAL A 166 5.73 -5.21 -5.50
N GLY A 167 6.37 -5.21 -4.34
CA GLY A 167 5.89 -4.44 -3.16
C GLY A 167 6.53 -3.06 -3.00
N PHE A 168 5.67 -2.05 -2.75
CA PHE A 168 6.13 -0.64 -2.51
C PHE A 168 5.55 -0.15 -1.19
N LYS A 169 6.29 0.73 -0.51
CA LYS A 169 5.64 1.53 0.52
C LYS A 169 5.56 2.94 0.04
N LEU A 170 4.50 3.61 0.46
CA LEU A 170 4.21 4.98 0.13
C LEU A 170 4.48 5.89 1.34
N VAL A 171 5.31 6.90 1.16
CA VAL A 171 5.65 7.86 2.12
C VAL A 171 5.47 9.29 1.54
N SER A 172 5.10 10.23 2.39
CA SER A 172 4.97 11.63 2.00
C SER A 172 6.35 12.20 2.22
N VAL A 173 6.58 13.31 1.59
CA VAL A 173 7.85 13.97 1.55
C VAL A 173 7.70 15.45 1.98
N ALA A 174 8.54 15.89 2.91
CA ALA A 174 8.55 17.27 3.30
C ALA A 174 9.97 17.79 3.17
N ARG A 175 10.19 18.80 2.34
CA ARG A 175 11.57 19.33 2.15
C ARG A 175 12.55 18.18 1.90
N ASP A 176 12.23 17.29 0.94
CA ASP A 176 13.05 16.14 0.51
C ASP A 176 13.11 14.87 1.40
N VAL A 177 12.60 14.95 2.63
CA VAL A 177 12.78 13.85 3.57
C VAL A 177 11.49 13.06 3.53
N SER A 178 11.57 11.76 3.64
CA SER A 178 10.41 10.88 3.84
C SER A 178 9.75 11.19 5.20
N ALA A 179 8.70 11.99 5.14
CA ALA A 179 8.15 12.51 6.39
C ALA A 179 7.25 11.54 7.19
N ALA A 180 6.52 10.70 6.48
CA ALA A 180 5.62 9.82 7.17
C ALA A 180 5.23 8.73 6.25
N ALA A 181 4.95 7.58 6.86
CA ALA A 181 4.20 6.54 6.15
C ALA A 181 2.74 6.97 6.04
N VAL A 182 2.19 6.82 4.84
CA VAL A 182 0.90 7.34 4.54
C VAL A 182 -0.14 6.36 4.96
N PRO A 183 -1.15 6.81 5.71
CA PRO A 183 -2.26 5.89 6.04
C PRO A 183 -3.19 5.53 4.93
N LEU A 184 -3.66 4.29 4.89
CA LEU A 184 -4.46 3.78 3.77
C LEU A 184 -5.50 2.82 4.24
N ILE A 185 -6.57 2.71 3.44
CA ILE A 185 -7.66 1.77 3.73
C ILE A 185 -8.03 1.21 2.40
N GLY A 186 -8.46 -0.03 2.39
CA GLY A 186 -8.94 -0.60 1.19
C GLY A 186 -7.74 -0.80 0.34
N GLU A 187 -7.97 -0.70 -0.97
CA GLU A 187 -7.00 -1.07 -1.92
C GLU A 187 -7.22 -0.18 -3.13
N TYR A 188 -6.66 1.02 -3.14
CA TYR A 188 -5.96 1.67 -2.04
C TYR A 188 -6.43 3.12 -2.04
N ARG A 189 -6.72 3.71 -0.88
CA ARG A 189 -7.34 4.99 -0.73
C ARG A 189 -6.78 5.53 0.54
N TYR A 190 -6.42 6.79 0.53
CA TYR A 190 -5.97 7.45 1.70
C TYR A 190 -7.10 7.56 2.71
N SER A 191 -6.78 7.40 3.96
CA SER A 191 -7.67 7.79 5.02
C SER A 191 -6.83 8.17 6.16
N SER A 192 -7.09 9.33 6.74
CA SER A 192 -6.16 9.84 7.75
C SER A 192 -6.14 9.04 9.09
N SER A 193 -7.12 8.17 9.26
CA SER A 193 -7.21 7.29 10.40
C SER A 193 -6.98 5.85 9.95
N GLY A 194 -6.35 5.66 8.79
CA GLY A 194 -6.02 4.38 8.25
C GLY A 194 -4.76 3.74 8.84
N GLN A 195 -4.33 2.68 8.18
CA GLN A 195 -3.22 1.83 8.64
C GLN A 195 -1.98 2.32 7.90
N VAL A 196 -0.92 2.50 8.66
CA VAL A 196 0.34 3.12 8.19
C VAL A 196 1.39 2.04 7.80
N GLY A 197 1.12 0.80 8.12
CA GLY A 197 2.15 -0.20 7.97
C GLY A 197 2.16 -1.03 6.71
N ARG A 198 1.54 -0.60 5.62
CA ARG A 198 1.20 -1.59 4.59
C ARG A 198 2.18 -1.52 3.41
N THR A 199 2.45 -2.70 2.85
CA THR A 199 3.12 -2.82 1.60
C THR A 199 2.08 -2.90 0.55
N LEU A 200 2.27 -2.13 -0.51
CA LEU A 200 1.32 -2.09 -1.66
C LEU A 200 1.93 -2.96 -2.76
N TYR A 201 1.13 -3.82 -3.45
CA TYR A 201 1.69 -4.72 -4.41
C TYR A 201 1.07 -4.50 -5.78
N THR A 202 1.90 -4.51 -6.78
CA THR A 202 1.50 -4.47 -8.21
C THR A 202 0.55 -5.56 -8.53
N ASP A 203 -0.40 -5.25 -9.43
CA ASP A 203 -1.48 -6.20 -9.82
C ASP A 203 -1.06 -6.91 -11.10
N LYS A 204 -1.93 -7.68 -11.72
CA LYS A 204 -1.50 -8.43 -12.89
C LYS A 204 -1.09 -7.52 -14.03
N ASN A 205 -1.55 -6.28 -14.01
CA ASN A 205 -1.08 -5.36 -15.01
C ASN A 205 0.11 -4.55 -14.59
N GLY A 206 0.77 -4.99 -13.56
CA GLY A 206 1.86 -4.18 -13.05
C GLY A 206 1.50 -2.89 -12.35
N GLU A 207 0.22 -2.71 -11.96
CA GLU A 207 -0.24 -1.37 -11.61
C GLU A 207 -0.53 -1.27 -10.14
N ILE A 208 -0.18 -0.14 -9.56
CA ILE A 208 -0.75 0.27 -8.29
C ILE A 208 -1.53 1.59 -8.47
N PHE A 209 -2.71 1.62 -7.93
CA PHE A 209 -3.61 2.81 -8.07
C PHE A 209 -4.06 3.29 -6.73
N VAL A 210 -3.71 4.54 -6.40
CA VAL A 210 -4.05 5.14 -5.11
C VAL A 210 -4.84 6.41 -5.31
N THR A 211 -5.99 6.47 -4.65
CA THR A 211 -6.85 7.67 -4.66
C THR A 211 -6.89 8.45 -3.35
N ASN A 212 -7.26 9.73 -3.44
CA ASN A 212 -7.61 10.58 -2.32
C ASN A 212 -6.46 11.02 -1.46
N LEU A 213 -5.23 10.80 -1.92
CA LEU A 213 -4.13 11.39 -1.28
C LEU A 213 -4.28 12.93 -1.21
N PRO A 214 -3.94 13.56 -0.08
CA PRO A 214 -3.89 15.01 -0.09
C PRO A 214 -2.93 15.50 -1.14
N LEU A 215 -3.16 16.71 -1.67
CA LEU A 215 -2.17 17.40 -2.45
C LEU A 215 -0.80 17.42 -1.75
N GLY A 216 0.27 17.19 -2.52
CA GLY A 216 1.57 17.23 -1.95
C GLY A 216 2.58 16.33 -2.69
N ASN A 217 3.69 16.11 -2.01
CA ASN A 217 4.85 15.38 -2.56
C ASN A 217 4.92 14.02 -1.89
N TYR A 218 5.08 13.00 -2.75
CA TYR A 218 5.06 11.60 -2.28
C TYR A 218 6.26 10.85 -2.93
N ARG A 219 6.51 9.66 -2.37
CA ARG A 219 7.57 8.77 -2.85
C ARG A 219 7.08 7.32 -2.68
N PHE A 220 7.18 6.55 -3.77
CA PHE A 220 6.96 5.13 -3.74
C PHE A 220 8.34 4.41 -3.59
N LYS A 221 8.54 3.67 -2.49
CA LYS A 221 9.77 2.97 -2.23
C LYS A 221 9.67 1.53 -2.47
N GLU A 222 10.57 0.99 -3.31
CA GLU A 222 10.46 -0.43 -3.73
C GLU A 222 11.06 -1.39 -2.69
N VAL A 223 10.32 -1.62 -1.62
CA VAL A 223 10.78 -2.40 -0.49
C VAL A 223 10.81 -3.88 -0.75
N GLU A 224 9.98 -4.37 -1.68
CA GLU A 224 9.92 -5.78 -2.00
C GLU A 224 9.96 -6.10 -3.52
N PRO A 225 11.17 -6.03 -4.13
CA PRO A 225 11.39 -6.44 -5.53
C PRO A 225 11.08 -7.91 -5.72
N LEU A 226 10.69 -8.23 -6.94
CA LEU A 226 10.40 -9.56 -7.33
C LEU A 226 11.75 -10.17 -7.65
N ALA A 227 11.95 -11.43 -7.23
CA ALA A 227 13.24 -12.08 -7.46
C ALA A 227 13.43 -12.26 -8.97
N GLY A 228 14.66 -11.96 -9.41
CA GLY A 228 15.06 -12.06 -10.84
C GLY A 228 15.04 -10.73 -11.50
N TYR A 229 14.50 -9.73 -10.79
CA TYR A 229 14.37 -8.35 -11.31
C TYR A 229 14.94 -7.37 -10.28
N ALA A 230 16.08 -6.76 -10.65
CA ALA A 230 16.83 -5.83 -9.84
C ALA A 230 16.24 -4.39 -9.89
N VAL A 231 16.18 -3.82 -8.71
CA VAL A 231 15.81 -2.45 -8.51
C VAL A 231 16.77 -1.51 -9.19
N THR A 232 16.25 -0.67 -10.05
CA THR A 232 17.04 0.43 -10.62
C THR A 232 17.10 1.70 -9.71
N THR A 233 15.95 2.08 -9.18
CA THR A 233 15.80 3.26 -8.33
C THR A 233 14.91 2.87 -7.17
N LEU A 234 15.39 2.93 -5.95
CA LEU A 234 14.51 2.55 -4.85
C LEU A 234 13.22 3.43 -4.69
N ASP A 235 13.46 4.74 -4.76
CA ASP A 235 12.43 5.77 -4.62
C ASP A 235 11.99 6.33 -5.96
N THR A 236 10.66 6.45 -6.18
CA THR A 236 10.14 7.14 -7.35
C THR A 236 9.18 8.23 -6.79
N ASP A 237 9.50 9.47 -7.09
CA ASP A 237 8.81 10.63 -6.54
C ASP A 237 7.62 10.98 -7.35
N VAL A 238 6.62 11.55 -6.72
CA VAL A 238 5.43 11.91 -7.50
C VAL A 238 4.81 13.10 -6.76
N GLN A 239 4.27 14.04 -7.53
CA GLN A 239 3.73 15.30 -7.00
C GLN A 239 2.29 15.40 -7.46
N LEU A 240 1.41 15.60 -6.50
CA LEU A 240 -0.05 15.73 -6.75
C LEU A 240 -0.37 17.20 -6.51
N VAL A 241 -0.64 17.94 -7.60
CA VAL A 241 -0.92 19.40 -7.46
C VAL A 241 -2.42 19.66 -7.70
N ASP A 242 -3.20 18.65 -8.07
CA ASP A 242 -4.63 18.82 -8.41
C ASP A 242 -5.22 17.47 -8.60
N HIS A 243 -6.36 17.34 -9.24
CA HIS A 243 -7.08 16.09 -9.25
C HIS A 243 -6.90 15.22 -10.51
N GLN A 244 -6.06 15.69 -11.41
CA GLN A 244 -5.81 15.01 -12.68
C GLN A 244 -4.92 13.72 -12.41
N LEU A 245 -5.21 12.62 -13.06
CA LEU A 245 -4.33 11.40 -12.98
C LEU A 245 -2.90 11.73 -13.25
N VAL A 246 -2.01 11.32 -12.31
CA VAL A 246 -0.55 11.26 -12.51
C VAL A 246 -0.11 9.78 -12.61
N THR A 247 0.55 9.42 -13.71
CA THR A 247 1.11 8.09 -13.97
C THR A 247 2.64 8.13 -13.91
N ILE A 248 3.27 7.24 -13.09
CA ILE A 248 4.68 7.13 -13.02
C ILE A 248 5.00 5.65 -13.38
N THR A 249 6.14 5.48 -14.07
CA THR A 249 6.56 4.18 -14.61
C THR A 249 7.89 3.85 -14.00
N VAL A 250 7.94 2.71 -13.28
CA VAL A 250 9.15 2.29 -12.64
C VAL A 250 9.68 1.03 -13.36
N VAL A 251 10.95 1.07 -13.67
CA VAL A 251 11.67 0.12 -14.53
C VAL A 251 12.62 -0.77 -13.68
N ASN A 252 12.41 -2.06 -13.83
CA ASN A 252 13.21 -3.10 -13.18
C ASN A 252 14.16 -3.80 -14.18
N GLN A 253 15.35 -4.17 -13.74
CA GLN A 253 16.28 -4.95 -14.62
C GLN A 253 16.19 -6.47 -14.48
N LYS A 254 15.64 -7.15 -15.48
CA LYS A 254 15.53 -8.62 -15.41
C LYS A 254 16.95 -9.12 -15.55
N LEU A 255 17.41 -9.92 -14.62
CA LEU A 255 18.77 -10.42 -14.59
C LEU A 255 18.84 -11.82 -15.14
N PRO A 256 19.79 -12.03 -16.03
CA PRO A 256 20.04 -13.39 -16.46
C PRO A 256 20.52 -14.28 -15.25
N ARG A 257 20.53 -15.59 -15.48
CA ARG A 257 21.00 -16.55 -14.45
C ARG A 257 22.20 -17.35 -14.98
N GLY A 258 23.03 -17.83 -14.05
CA GLY A 258 24.20 -18.67 -14.40
C GLY A 258 24.54 -19.67 -13.32
N ASN A 259 25.60 -20.48 -13.57
CA ASN A 259 25.96 -21.62 -12.68
C ASN A 259 27.41 -21.54 -12.36
N VAL A 260 27.78 -22.21 -11.26
CA VAL A 260 29.20 -22.26 -10.92
C VAL A 260 29.47 -23.64 -10.34
N ASP A 261 30.54 -24.22 -10.81
CA ASP A 261 31.01 -25.55 -10.32
C ASP A 261 32.17 -25.29 -9.45
N PHE A 262 32.17 -25.95 -8.32
CA PHE A 262 33.27 -25.88 -7.40
C PHE A 262 33.91 -27.27 -7.13
N MET A 263 35.17 -27.20 -6.70
CA MET A 263 35.89 -28.38 -6.14
C MET A 263 36.77 -28.01 -4.93
N LYS A 264 36.50 -28.67 -3.82
CA LYS A 264 37.20 -28.42 -2.56
C LYS A 264 38.37 -29.37 -2.45
N VAL A 265 39.57 -28.80 -2.38
CA VAL A 265 40.79 -29.58 -2.33
C VAL A 265 41.71 -29.15 -1.25
N ASP A 266 42.66 -30.06 -0.94
CA ASP A 266 43.77 -29.71 -0.05
C ASP A 266 44.69 -28.85 -0.92
N GLY A 267 45.10 -27.74 -0.38
CA GLY A 267 45.84 -26.82 -1.16
C GLY A 267 47.23 -27.27 -1.53
N ARG A 268 47.85 -28.08 -0.69
CA ARG A 268 49.19 -28.62 -1.04
C ARG A 268 49.16 -29.76 -2.02
N THR A 269 48.27 -30.72 -1.81
CA THR A 269 48.30 -31.89 -2.61
C THR A 269 47.36 -31.82 -3.81
N ASN A 270 46.43 -30.86 -3.80
CA ASN A 270 45.34 -30.83 -4.77
C ASN A 270 44.46 -32.07 -4.87
N THR A 271 44.34 -32.81 -3.80
CA THR A 271 43.41 -34.00 -3.75
C THR A 271 42.11 -33.53 -3.11
N SER A 272 41.02 -34.14 -3.56
CA SER A 272 39.70 -33.66 -3.14
C SER A 272 39.39 -33.93 -1.69
N LEU A 273 38.47 -33.13 -1.13
CA LEU A 273 38.05 -33.20 0.25
C LEU A 273 36.56 -33.16 0.38
N GLN A 274 36.00 -34.16 1.04
CA GLN A 274 34.60 -34.32 1.34
C GLN A 274 34.26 -33.65 2.66
N GLY A 275 33.03 -33.16 2.74
CA GLY A 275 32.48 -32.65 3.99
C GLY A 275 32.74 -31.17 4.32
N ALA A 276 33.17 -30.38 3.34
CA ALA A 276 33.29 -28.93 3.59
C ALA A 276 31.89 -28.39 3.34
N MET A 277 31.33 -27.75 4.33
CA MET A 277 29.99 -27.19 4.19
C MET A 277 29.98 -25.70 4.13
N PHE A 278 29.23 -25.17 3.18
CA PHE A 278 29.04 -23.77 3.02
C PHE A 278 27.59 -23.32 2.87
N LYS A 279 27.33 -22.13 3.37
CA LYS A 279 26.05 -21.49 3.06
C LYS A 279 26.25 -20.44 2.05
N VAL A 280 25.39 -20.41 1.01
CA VAL A 280 25.58 -19.40 0.00
C VAL A 280 24.94 -18.09 0.37
N MET A 281 25.65 -16.98 0.33
CA MET A 281 25.14 -15.68 0.78
C MET A 281 25.39 -14.58 -0.21
N LYS A 282 24.58 -13.53 -0.11
CA LYS A 282 24.85 -12.26 -0.74
C LYS A 282 25.13 -11.23 0.32
N GLU A 283 25.71 -10.13 -0.06
CA GLU A 283 25.89 -9.11 0.90
C GLU A 283 24.96 -7.95 0.60
N GLU A 284 24.36 -7.43 1.66
CA GLU A 284 23.38 -6.35 1.69
C GLU A 284 23.72 -5.47 2.88
N SER A 285 24.10 -4.25 2.57
CA SER A 285 24.21 -3.21 3.58
C SER A 285 25.11 -3.62 4.74
N GLY A 286 26.20 -4.32 4.44
CA GLY A 286 27.20 -4.68 5.41
C GLY A 286 27.00 -5.97 6.11
N HIS A 287 25.93 -6.71 5.81
CA HIS A 287 25.86 -8.02 6.34
C HIS A 287 25.52 -9.10 5.30
N TYR A 288 25.85 -10.32 5.67
CA TYR A 288 25.57 -11.44 4.80
C TYR A 288 24.21 -11.95 5.00
N THR A 289 23.53 -12.15 3.89
CA THR A 289 22.18 -12.74 3.99
C THR A 289 22.00 -13.94 3.08
N PRO A 290 21.30 -14.97 3.56
CA PRO A 290 21.19 -16.20 2.81
C PRO A 290 20.48 -16.12 1.45
N VAL A 291 21.02 -16.85 0.49
CA VAL A 291 20.33 -16.98 -0.82
C VAL A 291 19.25 -18.01 -0.62
N LEU A 292 18.08 -17.76 -1.20
CA LEU A 292 16.96 -18.71 -1.11
C LEU A 292 16.72 -19.30 -2.46
N GLN A 293 16.55 -20.63 -2.53
CA GLN A 293 16.22 -21.32 -3.73
C GLN A 293 15.41 -22.53 -3.33
N ASN A 294 14.55 -22.99 -4.25
CA ASN A 294 13.67 -24.19 -4.05
C ASN A 294 13.03 -24.25 -2.67
N GLY A 295 12.56 -23.07 -2.20
CA GLY A 295 11.91 -22.93 -0.92
C GLY A 295 12.80 -23.07 0.28
N LYS A 296 14.07 -22.66 0.16
CA LYS A 296 14.98 -22.64 1.34
C LYS A 296 16.33 -21.95 1.07
N GLU A 297 17.04 -21.76 2.17
CA GLU A 297 18.44 -21.27 2.12
C GLU A 297 19.35 -22.31 1.45
N VAL A 298 20.32 -21.83 0.70
CA VAL A 298 21.17 -22.71 -0.09
C VAL A 298 22.40 -23.10 0.72
N VAL A 299 22.50 -24.40 1.03
CA VAL A 299 23.69 -24.95 1.69
C VAL A 299 24.30 -25.98 0.74
N VAL A 300 25.62 -25.90 0.58
CA VAL A 300 26.30 -26.88 -0.22
C VAL A 300 27.40 -27.60 0.56
N THR A 301 27.60 -28.87 0.19
CA THR A 301 28.62 -29.76 0.92
C THR A 301 29.52 -30.41 -0.14
N SER A 302 30.82 -30.24 -0.01
CA SER A 302 31.83 -30.93 -0.93
C SER A 302 31.61 -32.45 -0.83
N GLY A 303 31.53 -33.10 -2.01
CA GLY A 303 31.15 -34.52 -2.12
C GLY A 303 32.41 -35.39 -1.99
N LYS A 304 32.21 -36.67 -2.22
CA LYS A 304 33.31 -37.64 -2.20
C LYS A 304 34.39 -37.27 -3.14
N ASP A 305 34.05 -36.58 -4.23
CA ASP A 305 35.05 -36.10 -5.16
C ASP A 305 35.45 -34.62 -4.98
N GLY A 306 35.15 -34.02 -3.85
CA GLY A 306 35.41 -32.59 -3.66
C GLY A 306 34.35 -31.67 -4.25
N ARG A 307 33.47 -32.19 -5.11
CA ARG A 307 32.58 -31.32 -5.89
C ARG A 307 31.26 -30.85 -5.24
N PHE A 308 30.90 -29.64 -5.65
CA PHE A 308 29.64 -29.03 -5.36
C PHE A 308 29.40 -27.89 -6.33
N ARG A 309 28.17 -27.36 -6.29
CA ARG A 309 27.67 -26.58 -7.37
C ARG A 309 26.51 -25.65 -6.89
N VAL A 310 26.41 -24.50 -7.52
CA VAL A 310 25.23 -23.61 -7.41
C VAL A 310 24.73 -23.36 -8.85
N GLU A 311 23.43 -23.51 -9.02
CA GLU A 311 22.85 -23.40 -10.32
C GLU A 311 21.65 -22.42 -10.35
N GLY A 312 21.43 -21.82 -11.50
CA GLY A 312 20.37 -20.82 -11.66
C GLY A 312 20.90 -19.61 -10.92
N LEU A 313 20.12 -18.86 -10.25
CA LEU A 313 20.89 -17.80 -9.55
C LEU A 313 21.37 -16.60 -10.45
N GLU A 314 20.82 -15.46 -10.12
CA GLU A 314 20.96 -14.29 -10.92
C GLU A 314 22.37 -13.82 -10.94
N TYR A 315 22.76 -13.29 -12.07
CA TYR A 315 23.95 -12.52 -12.16
C TYR A 315 24.18 -11.62 -10.96
N GLY A 316 25.41 -11.64 -10.47
CA GLY A 316 25.77 -10.85 -9.30
C GLY A 316 26.92 -11.47 -8.56
N THR A 317 27.24 -10.92 -7.39
CA THR A 317 28.35 -11.38 -6.56
C THR A 317 27.82 -12.10 -5.33
N TYR A 318 28.40 -13.27 -5.03
CA TYR A 318 28.00 -14.07 -3.97
C TYR A 318 29.21 -14.54 -3.13
N TYR A 319 28.92 -15.27 -2.08
CA TYR A 319 29.89 -15.73 -1.07
C TYR A 319 29.55 -17.11 -0.52
N LEU A 320 30.59 -17.98 -0.43
CA LEU A 320 30.49 -19.25 0.21
C LEU A 320 30.92 -18.99 1.66
N TRP A 321 29.95 -18.96 2.54
CA TRP A 321 30.19 -18.76 4.00
C TRP A 321 30.42 -20.13 4.57
N GLU A 322 31.62 -20.36 5.09
CA GLU A 322 31.99 -21.76 5.56
C GLU A 322 31.35 -22.07 6.88
N LEU A 323 30.47 -23.08 6.86
CA LEU A 323 29.87 -23.58 8.07
C LEU A 323 30.72 -24.65 8.78
N GLN A 324 31.39 -25.51 8.04
CA GLN A 324 32.17 -26.60 8.58
C GLN A 324 33.37 -26.96 7.64
N ALA A 325 34.56 -27.00 8.21
CA ALA A 325 35.74 -27.39 7.44
C ALA A 325 35.83 -28.93 7.29
N PRO A 326 36.44 -29.45 6.19
CA PRO A 326 36.79 -30.87 6.15
C PRO A 326 37.53 -31.25 7.39
N THR A 327 37.30 -32.47 7.89
CA THR A 327 38.05 -33.01 9.05
C THR A 327 39.57 -32.79 8.93
N GLY A 328 40.16 -32.20 9.93
CA GLY A 328 41.61 -32.08 9.93
C GLY A 328 42.07 -30.81 9.24
N TYR A 329 41.13 -29.96 8.83
CA TYR A 329 41.50 -28.74 8.07
C TYR A 329 41.09 -27.45 8.85
N VAL A 330 41.85 -26.39 8.71
CA VAL A 330 41.55 -25.11 9.28
C VAL A 330 40.40 -24.39 8.54
N GLN A 331 39.55 -23.69 9.29
CA GLN A 331 38.54 -22.84 8.65
C GLN A 331 39.18 -21.75 7.77
N LEU A 332 38.59 -21.53 6.62
CA LEU A 332 39.02 -20.49 5.76
C LEU A 332 38.96 -19.13 6.47
N THR A 333 39.85 -18.20 6.14
CA THR A 333 39.90 -16.99 6.91
C THR A 333 38.86 -15.99 6.46
N SER A 334 38.23 -16.18 5.29
CA SER A 334 37.11 -15.35 4.91
C SER A 334 36.22 -16.16 3.94
N PRO A 335 35.01 -15.70 3.70
CA PRO A 335 34.16 -16.48 2.77
C PRO A 335 34.79 -16.42 1.40
N VAL A 336 34.42 -17.37 0.56
CA VAL A 336 34.91 -17.37 -0.81
C VAL A 336 33.97 -16.49 -1.71
N SER A 337 34.49 -15.41 -2.28
CA SER A 337 33.71 -14.63 -3.18
C SER A 337 33.68 -15.22 -4.60
N PHE A 338 32.55 -15.14 -5.23
CA PHE A 338 32.42 -15.54 -6.63
C PHE A 338 31.38 -14.68 -7.27
N THR A 339 31.50 -14.53 -8.60
CA THR A 339 30.69 -13.58 -9.40
C THR A 339 30.11 -14.39 -10.48
N ILE A 340 28.80 -14.32 -10.62
CA ILE A 340 28.11 -14.94 -11.77
C ILE A 340 27.86 -13.89 -12.86
N GLY A 341 28.21 -14.18 -14.12
CA GLY A 341 28.19 -13.14 -15.17
C GLY A 341 28.34 -13.73 -16.53
N LYS A 342 28.14 -12.92 -17.55
CA LYS A 342 28.25 -13.38 -18.94
C LYS A 342 29.68 -13.78 -19.32
N ASP A 343 30.72 -13.11 -18.78
CA ASP A 343 32.12 -13.41 -19.15
C ASP A 343 32.50 -14.89 -19.22
N GLU A 347 37.95 -20.30 -15.31
CA GLU A 347 38.19 -21.72 -15.06
C GLU A 347 36.93 -22.57 -15.19
N LEU A 348 37.07 -23.77 -15.74
CA LEU A 348 35.97 -24.71 -15.88
C LEU A 348 35.35 -25.15 -14.53
N VAL A 349 36.17 -25.30 -13.50
CA VAL A 349 35.66 -25.62 -12.15
C VAL A 349 36.49 -24.75 -11.24
N THR A 350 35.84 -24.09 -10.28
CA THR A 350 36.57 -23.20 -9.41
C THR A 350 37.09 -24.03 -8.28
N VAL A 351 38.40 -23.93 -8.08
CA VAL A 351 39.03 -24.75 -7.05
C VAL A 351 39.12 -23.97 -5.79
N VAL A 352 38.65 -24.56 -4.71
CA VAL A 352 38.76 -23.96 -3.39
C VAL A 352 39.74 -24.70 -2.51
N LYS A 353 40.79 -24.02 -2.07
CA LYS A 353 41.86 -24.63 -1.35
C LYS A 353 41.68 -24.58 0.18
N ASN A 354 42.01 -25.71 0.81
CA ASN A 354 42.01 -25.85 2.25
C ASN A 354 43.38 -26.28 2.77
N ASN A 355 43.76 -25.70 3.90
CA ASN A 355 45.02 -25.94 4.56
C ASN A 355 44.89 -26.88 5.74
N LYS A 356 45.74 -27.89 5.75
CA LYS A 356 45.67 -28.94 6.79
C LYS A 356 46.06 -28.31 8.08
N ARG A 357 45.26 -28.56 9.11
CA ARG A 357 45.54 -28.09 10.45
C ARG A 357 46.86 -28.76 10.92
N PRO A 358 47.92 -27.95 11.17
CA PRO A 358 49.24 -28.52 11.57
C PRO A 358 49.18 -29.47 12.80
N ARG A 359 48.37 -29.06 13.78
CA ARG A 359 48.15 -29.84 14.99
C ARG A 359 47.16 -30.96 14.70
#